data_5L3W
#
_entry.id   5L3W
#
_cell.length_a   144.906
_cell.length_b   144.906
_cell.length_c   49.723
_cell.angle_alpha   90.00
_cell.angle_beta   90.00
_cell.angle_gamma   120.00
#
_symmetry.space_group_name_H-M   'H 3'
#
loop_
_entity.id
_entity.type
_entity.pdbx_description
1 polymer 'Signal recognition particle receptor FtsY'
2 non-polymer "GUANOSINE-5'-DIPHOSPHATE"
3 non-polymer 'SULFATE ION'
4 water water
#
_entity_poly.entity_id   1
_entity_poly.type   'polypeptide(L)'
_entity_poly.pdbx_seq_one_letter_code
;HHHHHHTGQENKQENKRSFFDFLKYKTIKEDDLNDVIEELRFQLLDSDVSYEVTEKILEDLKNNLIGKKVSRREEVEEIV
INTLKKSITEILTKNQKTDLIEKIRSSGKKPFVIIFFGVNGVGKTTTIAKVVNMLKKNNLSTIIAASDTFRAAAQEQLAY
HASKLEVQLIRGKYGADPASVAFDAISFAKSRNIDVVLIDTAGRMHIDSDLVEELKRVLRIAKPDFRILILDSLAGSDAL
EQARHFENNVGYDAVILTKVDADAKGGIALSLAYELKKPVVYMGVGQNYDDLIPFSPDWFVERIFS
;
_entity_poly.pdbx_strand_id   A
#
# COMPACT_ATOMS: atom_id res chain seq x y z
N GLU A 10 45.90 -8.24 -7.25
CA GLU A 10 46.26 -6.83 -7.40
C GLU A 10 45.03 -5.93 -7.33
N ASN A 11 43.88 -6.50 -6.96
CA ASN A 11 42.69 -5.70 -6.75
C ASN A 11 42.64 -5.11 -5.34
N LYS A 12 43.37 -5.71 -4.39
CA LYS A 12 43.55 -5.10 -3.08
C LYS A 12 44.59 -3.99 -3.12
N GLN A 13 45.52 -4.04 -4.08
CA GLN A 13 46.48 -2.95 -4.26
C GLN A 13 45.82 -1.73 -4.88
N GLU A 14 44.78 -1.91 -5.68
CA GLU A 14 44.04 -0.79 -6.24
C GLU A 14 43.09 -0.16 -5.23
N ASN A 15 42.62 -0.97 -4.27
CA ASN A 15 41.72 -0.45 -3.25
C ASN A 15 42.49 0.37 -2.22
N LYS A 16 43.72 -0.03 -1.93
CA LYS A 16 44.62 0.77 -1.12
C LYS A 16 44.97 2.08 -1.82
N ARG A 17 45.17 2.02 -3.14
CA ARG A 17 45.38 3.24 -3.91
C ARG A 17 44.19 4.16 -3.84
N SER A 18 43.00 3.58 -3.75
CA SER A 18 41.76 4.33 -3.64
C SER A 18 41.66 5.16 -2.35
N PHE A 19 42.44 4.86 -1.32
CA PHE A 19 42.41 5.72 -0.13
C PHE A 19 43.04 7.09 -0.40
N PHE A 20 43.92 7.21 -1.41
CA PHE A 20 44.72 8.41 -1.61
C PHE A 20 44.18 9.28 -2.73
N ASP A 21 42.93 9.05 -3.12
CA ASP A 21 42.28 9.72 -4.23
C ASP A 21 41.36 10.86 -3.78
N PHE A 22 41.60 11.44 -2.60
CA PHE A 22 40.62 12.36 -2.03
C PHE A 22 40.65 13.74 -2.69
N LEU A 23 41.71 14.08 -3.44
CA LEU A 23 41.81 15.42 -4.01
C LEU A 23 40.81 15.65 -5.13
N LYS A 24 40.34 14.59 -5.78
CA LYS A 24 39.36 14.77 -6.83
C LYS A 24 37.94 14.97 -6.29
N TYR A 25 37.74 14.82 -4.98
CA TYR A 25 36.42 14.90 -4.36
C TYR A 25 36.07 16.37 -4.12
N LYS A 26 35.04 16.86 -4.81
CA LYS A 26 34.61 18.25 -4.66
C LYS A 26 33.33 18.26 -3.84
N THR A 27 33.22 19.26 -2.96
CA THR A 27 32.01 19.46 -2.16
C THR A 27 30.93 20.11 -3.02
N ILE A 28 29.69 19.65 -2.85
CA ILE A 28 28.61 20.17 -3.67
C ILE A 28 28.10 21.47 -3.07
N LYS A 29 28.00 22.52 -3.88
CA LYS A 29 27.43 23.79 -3.44
C LYS A 29 26.01 23.93 -3.97
N GLU A 30 25.20 24.69 -3.25
CA GLU A 30 23.83 24.96 -3.67
C GLU A 30 23.78 25.40 -5.14
N ASP A 31 24.67 26.32 -5.52
CA ASP A 31 24.73 26.81 -6.89
C ASP A 31 24.92 25.71 -7.91
N ASP A 32 25.67 24.64 -7.55
CA ASP A 32 25.89 23.52 -8.47
C ASP A 32 24.59 22.81 -8.85
N LEU A 33 23.54 22.91 -8.02
CA LEU A 33 22.33 22.14 -8.23
C LEU A 33 21.29 22.82 -9.11
N ASN A 34 21.47 24.09 -9.45
CA ASN A 34 20.39 24.88 -10.07
C ASN A 34 19.82 24.19 -11.31
N ASP A 35 20.69 23.83 -12.26
CA ASP A 35 20.22 23.31 -13.54
C ASP A 35 19.59 21.93 -13.38
N VAL A 36 20.24 21.04 -12.62
CA VAL A 36 19.70 19.68 -12.53
C VAL A 36 18.39 19.66 -11.76
N ILE A 37 18.22 20.56 -10.78
CA ILE A 37 16.97 20.63 -10.04
C ILE A 37 15.83 21.02 -10.98
N GLU A 38 16.07 21.95 -11.92
CA GLU A 38 15.04 22.33 -12.88
C GLU A 38 14.72 21.22 -13.87
N GLU A 39 15.73 20.45 -14.31
CA GLU A 39 15.48 19.30 -15.17
C GLU A 39 14.69 18.21 -14.44
N LEU A 40 15.06 17.91 -13.18
CA LEU A 40 14.26 16.96 -12.40
C LEU A 40 12.83 17.44 -12.25
N ARG A 41 12.65 18.74 -11.95
CA ARG A 41 11.31 19.31 -11.87
C ARG A 41 10.53 19.07 -13.16
N PHE A 42 11.13 19.34 -14.32
CA PHE A 42 10.44 19.12 -15.58
C PHE A 42 9.96 17.68 -15.70
N GLN A 43 10.84 16.72 -15.39
CA GLN A 43 10.50 15.31 -15.54
C GLN A 43 9.45 14.87 -14.54
N LEU A 44 9.57 15.31 -13.29
CA LEU A 44 8.54 15.01 -12.29
C LEU A 44 7.16 15.50 -12.73
N LEU A 45 7.05 16.78 -13.11
CA LEU A 45 5.77 17.32 -13.54
C LEU A 45 5.25 16.62 -14.80
N ASP A 46 6.15 16.33 -15.75
CA ASP A 46 5.79 15.55 -16.94
C ASP A 46 5.19 14.22 -16.53
N SER A 47 5.79 13.55 -15.54
CA SER A 47 5.38 12.21 -15.08
C SER A 47 4.22 12.26 -14.09
N ASP A 48 3.38 13.28 -14.18
CA ASP A 48 2.15 13.39 -13.37
C ASP A 48 2.42 13.53 -11.89
N VAL A 49 3.65 13.84 -11.48
CA VAL A 49 3.88 14.14 -10.07
C VAL A 49 3.29 15.51 -9.76
N SER A 50 2.48 15.58 -8.70
CA SER A 50 1.86 16.85 -8.32
C SER A 50 2.92 17.86 -7.86
N TYR A 51 2.47 19.11 -7.72
CA TYR A 51 3.37 20.21 -7.39
C TYR A 51 3.93 20.07 -5.97
N GLU A 52 3.07 19.71 -5.01
CA GLU A 52 3.53 19.53 -3.64
C GLU A 52 4.53 18.40 -3.51
N VAL A 53 4.27 17.26 -4.16
CA VAL A 53 5.22 16.15 -4.12
C VAL A 53 6.50 16.53 -4.84
N THR A 54 6.38 17.21 -5.98
CA THR A 54 7.56 17.68 -6.71
C THR A 54 8.42 18.57 -5.83
N GLU A 55 7.79 19.51 -5.11
CA GLU A 55 8.54 20.43 -4.26
C GLU A 55 9.20 19.70 -3.09
N LYS A 56 8.47 18.79 -2.44
CA LYS A 56 9.07 17.97 -1.40
C LYS A 56 10.27 17.20 -1.94
N ILE A 57 10.11 16.57 -3.10
CA ILE A 57 11.16 15.70 -3.59
C ILE A 57 12.43 16.48 -3.92
N LEU A 58 12.27 17.68 -4.48
CA LEU A 58 13.43 18.49 -4.86
C LEU A 58 14.11 19.09 -3.63
N GLU A 59 13.32 19.48 -2.63
CA GLU A 59 13.88 19.98 -1.39
C GLU A 59 14.68 18.89 -0.68
N ASP A 60 14.14 17.67 -0.62
CA ASP A 60 14.90 16.55 -0.06
C ASP A 60 16.18 16.29 -0.84
N LEU A 61 16.15 16.54 -2.16
CA LEU A 61 17.36 16.36 -2.96
C LEU A 61 18.41 17.43 -2.64
N LYS A 62 18.01 18.70 -2.54
CA LYS A 62 18.96 19.73 -2.16
C LYS A 62 19.61 19.42 -0.81
N ASN A 63 18.79 19.07 0.18
CA ASN A 63 19.31 18.84 1.53
C ASN A 63 20.27 17.67 1.58
N ASN A 64 20.01 16.63 0.79
CA ASN A 64 20.87 15.46 0.80
C ASN A 64 22.12 15.60 -0.07
N LEU A 65 22.22 16.68 -0.84
CA LEU A 65 23.33 16.84 -1.76
C LEU A 65 24.30 17.93 -1.36
N ILE A 66 23.81 19.00 -0.72
CA ILE A 66 24.65 20.16 -0.42
C ILE A 66 25.88 19.77 0.38
N GLY A 67 25.72 18.95 1.41
CA GLY A 67 26.90 18.63 2.21
C GLY A 67 28.02 17.93 1.45
N LYS A 68 27.69 17.17 0.42
CA LYS A 68 28.44 15.98 0.05
C LYS A 68 29.65 16.25 -0.86
N LYS A 69 30.52 15.26 -0.89
CA LYS A 69 31.70 15.27 -1.72
C LYS A 69 31.55 14.20 -2.81
N VAL A 70 31.79 14.60 -4.05
CA VAL A 70 31.68 13.68 -5.18
C VAL A 70 32.84 13.94 -6.12
N SER A 71 33.11 12.94 -6.97
CA SER A 71 34.21 13.05 -7.92
C SER A 71 33.81 12.64 -9.33
N ARG A 72 32.55 12.27 -9.56
CA ARG A 72 32.11 11.81 -10.86
C ARG A 72 30.59 11.70 -10.84
N ARG A 73 29.99 11.65 -12.02
CA ARG A 73 28.54 11.76 -12.14
C ARG A 73 27.83 10.59 -11.48
N GLU A 74 28.47 9.43 -11.43
CA GLU A 74 27.87 8.23 -10.85
C GLU A 74 27.68 8.36 -9.36
N GLU A 75 28.61 9.03 -8.68
CA GLU A 75 28.46 9.29 -7.26
C GLU A 75 27.32 10.26 -6.99
N VAL A 76 27.09 11.23 -7.87
CA VAL A 76 25.94 12.12 -7.71
C VAL A 76 24.64 11.35 -7.92
N GLU A 77 24.57 10.61 -9.02
CA GLU A 77 23.41 9.78 -9.32
C GLU A 77 23.07 8.84 -8.17
N GLU A 78 24.08 8.35 -7.44
CA GLU A 78 23.81 7.41 -6.36
C GLU A 78 23.14 8.09 -5.15
N ILE A 79 23.55 9.33 -4.84
CA ILE A 79 22.89 10.08 -3.78
C ILE A 79 21.48 10.48 -4.21
N VAL A 80 21.32 10.87 -5.47
CA VAL A 80 20.01 11.24 -5.98
C VAL A 80 19.05 10.06 -5.88
N ILE A 81 19.48 8.89 -6.32
CA ILE A 81 18.62 7.72 -6.32
C ILE A 81 18.28 7.30 -4.89
N ASN A 82 19.27 7.32 -4.00
CA ASN A 82 18.95 6.92 -2.64
C ASN A 82 18.04 7.94 -1.97
N THR A 83 18.16 9.21 -2.34
CA THR A 83 17.29 10.22 -1.76
C THR A 83 15.88 10.10 -2.30
N LEU A 84 15.75 9.85 -3.60
CA LEU A 84 14.45 9.63 -4.22
C LEU A 84 13.73 8.46 -3.55
N LYS A 85 14.42 7.33 -3.41
CA LYS A 85 13.82 6.14 -2.80
C LYS A 85 13.41 6.39 -1.36
N LYS A 86 14.12 7.27 -0.67
CA LYS A 86 13.79 7.58 0.72
C LYS A 86 12.59 8.52 0.82
N SER A 87 12.52 9.54 -0.04
CA SER A 87 11.36 10.42 -0.10
C SER A 87 10.10 9.65 -0.49
N ILE A 88 10.20 8.82 -1.54
CA ILE A 88 9.07 8.02 -1.98
C ILE A 88 8.60 7.09 -0.86
N THR A 89 9.53 6.53 -0.09
CA THR A 89 9.18 5.71 1.05
C THR A 89 8.43 6.50 2.11
N GLU A 90 8.89 7.72 2.39
CA GLU A 90 8.18 8.58 3.32
C GLU A 90 6.78 8.94 2.81
N ILE A 91 6.65 9.23 1.52
CA ILE A 91 5.35 9.56 0.93
C ILE A 91 4.36 8.41 1.12
N LEU A 92 4.78 7.20 0.78
CA LEU A 92 3.84 6.07 0.71
C LEU A 92 3.56 5.43 2.06
N THR A 93 4.58 5.18 2.86
CA THR A 93 4.45 4.41 4.08
C THR A 93 4.46 5.25 5.34
N LYS A 94 4.79 6.54 5.24
CA LYS A 94 5.00 7.39 6.42
C LYS A 94 6.05 6.79 7.36
N ASN A 95 7.00 6.05 6.80
CA ASN A 95 8.05 5.36 7.55
C ASN A 95 7.50 4.38 8.58
N GLN A 96 6.27 3.92 8.37
CA GLN A 96 5.66 2.89 9.18
C GLN A 96 6.11 1.50 8.72
N LYS A 97 5.95 0.52 9.59
CA LYS A 97 6.16 -0.86 9.16
C LYS A 97 5.01 -1.32 8.25
N THR A 98 5.36 -2.19 7.30
CA THR A 98 4.55 -2.49 6.13
C THR A 98 4.34 -3.98 5.90
N ASP A 99 5.20 -4.84 6.45
CA ASP A 99 5.18 -6.28 6.18
C ASP A 99 4.05 -6.91 6.98
N LEU A 100 2.98 -7.27 6.29
CA LEU A 100 1.84 -7.90 6.95
C LEU A 100 2.20 -9.27 7.50
N ILE A 101 3.08 -10.00 6.80
CA ILE A 101 3.46 -11.34 7.24
C ILE A 101 4.15 -11.28 8.59
N GLU A 102 5.15 -10.40 8.73
CA GLU A 102 5.80 -10.26 10.04
C GLU A 102 4.86 -9.68 11.08
N LYS A 103 3.95 -8.79 10.66
CA LYS A 103 2.89 -8.30 11.53
C LYS A 103 2.12 -9.48 12.11
N ILE A 104 1.65 -10.37 11.25
CA ILE A 104 0.88 -11.52 11.68
C ILE A 104 1.74 -12.48 12.48
N ARG A 105 2.94 -12.77 11.97
CA ARG A 105 3.79 -13.76 12.61
C ARG A 105 4.33 -13.27 13.95
N SER A 106 4.77 -12.01 14.03
CA SER A 106 5.34 -11.50 15.27
C SER A 106 4.26 -10.98 16.20
N SER A 107 3.07 -11.55 16.10
CA SER A 107 1.92 -11.11 16.88
C SER A 107 1.41 -12.25 17.74
N GLY A 108 0.73 -11.90 18.83
CA GLY A 108 0.27 -12.96 19.70
C GLY A 108 -1.04 -13.58 19.29
N LYS A 109 -1.74 -12.98 18.33
CA LYS A 109 -3.16 -13.26 18.14
C LYS A 109 -3.38 -14.61 17.48
N LYS A 110 -4.25 -15.44 18.12
CA LYS A 110 -4.37 -16.84 17.73
C LYS A 110 -4.91 -17.00 16.31
N PRO A 111 -6.16 -16.59 16.00
CA PRO A 111 -6.42 -16.20 14.61
C PRO A 111 -6.17 -14.71 14.46
N PHE A 112 -5.47 -14.31 13.41
CA PHE A 112 -5.26 -12.89 13.13
C PHE A 112 -6.39 -12.42 12.22
N VAL A 113 -7.16 -11.45 12.70
CA VAL A 113 -8.37 -10.99 12.03
C VAL A 113 -8.08 -9.67 11.31
N ILE A 114 -8.29 -9.68 9.98
CA ILE A 114 -8.15 -8.51 9.12
C ILE A 114 -9.51 -8.15 8.56
N ILE A 115 -9.85 -6.87 8.60
CA ILE A 115 -11.09 -6.37 8.02
C ILE A 115 -10.76 -5.39 6.91
N PHE A 116 -11.59 -5.39 5.86
CA PHE A 116 -11.33 -4.61 4.65
C PHE A 116 -12.47 -3.65 4.41
N PHE A 117 -12.14 -2.38 4.19
CA PHE A 117 -13.10 -1.34 3.86
C PHE A 117 -12.96 -0.91 2.41
N GLY A 118 -14.00 -0.27 1.90
CA GLY A 118 -13.91 0.37 0.62
C GLY A 118 -15.26 0.34 -0.09
N VAL A 119 -15.39 1.20 -1.09
CA VAL A 119 -16.63 1.34 -1.84
C VAL A 119 -16.63 0.36 -3.00
N ASN A 120 -17.71 0.36 -3.79
CA ASN A 120 -17.87 -0.56 -4.92
C ASN A 120 -16.90 -0.23 -6.05
N GLY A 121 -16.52 -1.26 -6.81
CA GLY A 121 -15.73 -1.05 -8.01
C GLY A 121 -14.33 -0.56 -7.76
N VAL A 122 -13.90 -0.53 -6.51
CA VAL A 122 -12.56 -0.08 -6.15
C VAL A 122 -11.56 -1.24 -6.19
N GLY A 123 -12.04 -2.45 -6.37
CA GLY A 123 -11.20 -3.63 -6.36
C GLY A 123 -11.14 -4.38 -5.05
N LYS A 124 -12.14 -4.24 -4.16
CA LYS A 124 -11.98 -4.79 -2.81
C LYS A 124 -12.00 -6.33 -2.82
N THR A 125 -12.96 -6.94 -3.50
CA THR A 125 -13.02 -8.41 -3.46
C THR A 125 -11.83 -9.03 -4.18
N THR A 126 -11.29 -8.34 -5.19
CA THR A 126 -10.14 -8.88 -5.92
C THR A 126 -8.87 -8.86 -5.08
N THR A 127 -8.62 -7.78 -4.32
CA THR A 127 -7.38 -7.78 -3.55
C THR A 127 -7.49 -8.58 -2.27
N ILE A 128 -8.70 -8.91 -1.81
CA ILE A 128 -8.83 -9.93 -0.79
C ILE A 128 -8.36 -11.28 -1.32
N ALA A 129 -8.73 -11.61 -2.56
CA ALA A 129 -8.20 -12.83 -3.18
C ALA A 129 -6.69 -12.76 -3.31
N LYS A 130 -6.15 -11.57 -3.66
CA LYS A 130 -4.71 -11.43 -3.72
C LYS A 130 -4.08 -11.61 -2.35
N VAL A 131 -4.71 -11.06 -1.30
CA VAL A 131 -4.17 -11.25 0.05
C VAL A 131 -4.23 -12.72 0.46
N VAL A 132 -5.29 -13.43 0.08
CA VAL A 132 -5.33 -14.86 0.34
C VAL A 132 -4.20 -15.56 -0.39
N ASN A 133 -3.98 -15.20 -1.66
CA ASN A 133 -2.94 -15.83 -2.46
C ASN A 133 -1.58 -15.67 -1.81
N MET A 134 -1.29 -14.47 -1.30
CA MET A 134 0.02 -14.19 -0.73
C MET A 134 0.22 -14.92 0.59
N LEU A 135 -0.80 -14.96 1.45
CA LEU A 135 -0.67 -15.69 2.70
C LEU A 135 -0.51 -17.19 2.48
N LYS A 136 -1.12 -17.71 1.41
CA LYS A 136 -0.85 -19.10 1.04
C LYS A 136 0.62 -19.28 0.65
N LYS A 137 1.15 -18.38 -0.17
CA LYS A 137 2.57 -18.44 -0.51
C LYS A 137 3.44 -18.26 0.73
N ASN A 138 2.89 -17.76 1.83
CA ASN A 138 3.63 -17.68 3.07
C ASN A 138 3.22 -18.74 4.11
N ASN A 139 2.57 -19.82 3.65
CA ASN A 139 2.22 -20.97 4.49
C ASN A 139 1.33 -20.58 5.66
N LEU A 140 0.43 -19.64 5.41
CA LEU A 140 -0.55 -19.21 6.39
C LEU A 140 -1.93 -19.58 5.88
N SER A 141 -2.64 -20.39 6.66
CA SER A 141 -4.00 -20.76 6.28
C SER A 141 -4.94 -19.59 6.53
N THR A 142 -6.01 -19.53 5.72
CA THR A 142 -6.89 -18.37 5.74
C THR A 142 -8.33 -18.80 5.47
N ILE A 143 -9.27 -18.04 6.03
CA ILE A 143 -10.64 -18.10 5.58
C ILE A 143 -11.14 -16.68 5.33
N ILE A 144 -12.24 -16.60 4.59
CA ILE A 144 -12.89 -15.34 4.25
C ILE A 144 -14.26 -15.32 4.88
N ALA A 145 -14.62 -14.18 5.47
CA ALA A 145 -15.98 -13.95 5.95
C ALA A 145 -16.65 -12.95 5.03
N ALA A 146 -17.72 -13.37 4.36
CA ALA A 146 -18.41 -12.49 3.41
C ALA A 146 -19.44 -11.68 4.18
N SER A 147 -19.06 -10.48 4.65
CA SER A 147 -19.96 -9.69 5.48
C SER A 147 -20.61 -8.54 4.71
N ASP A 148 -20.40 -8.46 3.40
CA ASP A 148 -21.23 -7.62 2.53
C ASP A 148 -22.45 -8.42 2.11
N THR A 149 -23.33 -8.65 3.09
CA THR A 149 -24.38 -9.66 2.99
C THR A 149 -25.58 -9.20 2.15
N PHE A 150 -25.64 -7.93 1.76
CA PHE A 150 -26.73 -7.45 0.93
C PHE A 150 -26.34 -7.23 -0.53
N ARG A 151 -25.04 -7.08 -0.83
CA ARG A 151 -24.57 -7.00 -2.21
C ARG A 151 -24.34 -8.44 -2.69
N ALA A 152 -25.39 -9.05 -3.21
CA ALA A 152 -25.29 -10.44 -3.62
C ALA A 152 -24.25 -10.64 -4.72
N ALA A 153 -23.89 -9.58 -5.45
CA ALA A 153 -22.82 -9.67 -6.43
C ALA A 153 -21.49 -10.03 -5.75
N ALA A 154 -21.13 -9.31 -4.68
CA ALA A 154 -19.89 -9.60 -3.95
C ALA A 154 -19.85 -11.05 -3.48
N GLN A 155 -21.00 -11.61 -3.11
CA GLN A 155 -21.05 -13.00 -2.67
C GLN A 155 -20.60 -13.94 -3.80
N GLU A 156 -21.05 -13.68 -5.02
CA GLU A 156 -20.60 -14.48 -6.16
C GLU A 156 -19.09 -14.36 -6.34
N GLN A 157 -18.55 -13.14 -6.34
CA GLN A 157 -17.12 -12.94 -6.64
C GLN A 157 -16.24 -13.68 -5.64
N LEU A 158 -16.46 -13.45 -4.34
CA LEU A 158 -15.67 -14.16 -3.32
C LEU A 158 -15.85 -15.67 -3.42
N ALA A 159 -17.03 -16.15 -3.85
CA ALA A 159 -17.24 -17.59 -3.93
C ALA A 159 -16.38 -18.21 -5.02
N TYR A 160 -16.21 -17.49 -6.13
CA TYR A 160 -15.31 -17.96 -7.19
C TYR A 160 -13.87 -18.00 -6.70
N HIS A 161 -13.41 -16.89 -6.11
CA HIS A 161 -12.02 -16.82 -5.66
C HIS A 161 -11.73 -17.87 -4.60
N ALA A 162 -12.59 -17.97 -3.59
CA ALA A 162 -12.42 -18.95 -2.53
C ALA A 162 -12.26 -20.35 -3.08
N SER A 163 -12.97 -20.65 -4.17
CA SER A 163 -12.88 -21.97 -4.78
C SER A 163 -11.57 -22.13 -5.54
N LYS A 164 -11.22 -21.14 -6.37
CA LYS A 164 -9.96 -21.22 -7.11
C LYS A 164 -8.77 -21.27 -6.16
N LEU A 165 -8.83 -20.55 -5.05
CA LEU A 165 -7.73 -20.49 -4.11
C LEU A 165 -7.78 -21.61 -3.08
N GLU A 166 -8.81 -22.45 -3.11
CA GLU A 166 -8.94 -23.59 -2.20
C GLU A 166 -8.91 -23.12 -0.75
N VAL A 167 -9.89 -22.29 -0.41
CA VAL A 167 -9.99 -21.64 0.89
C VAL A 167 -11.47 -21.61 1.28
N GLN A 168 -11.73 -21.67 2.59
CA GLN A 168 -13.10 -21.68 3.09
C GLN A 168 -13.70 -20.28 3.09
N LEU A 169 -14.91 -20.18 2.56
CA LEU A 169 -15.70 -18.96 2.58
C LEU A 169 -16.85 -19.16 3.57
N ILE A 170 -16.90 -18.35 4.61
CA ILE A 170 -18.05 -18.33 5.50
C ILE A 170 -19.02 -17.26 5.01
N ARG A 171 -20.28 -17.65 4.85
CA ARG A 171 -21.29 -16.74 4.36
C ARG A 171 -22.60 -17.09 5.02
N GLY A 172 -23.50 -16.11 5.06
CA GLY A 172 -24.83 -16.32 5.58
C GLY A 172 -25.86 -16.19 4.47
N LYS A 173 -27.12 -16.34 4.86
CA LYS A 173 -28.23 -16.07 3.97
C LYS A 173 -28.09 -14.64 3.43
N TYR A 174 -28.68 -14.38 2.27
CA TYR A 174 -28.76 -13.01 1.79
C TYR A 174 -29.39 -12.12 2.84
N GLY A 175 -28.79 -10.95 3.05
CA GLY A 175 -29.28 -10.03 4.06
C GLY A 175 -29.02 -10.45 5.49
N ALA A 176 -28.12 -11.40 5.73
CA ALA A 176 -27.88 -11.85 7.09
C ALA A 176 -27.09 -10.79 7.86
N ASP A 177 -27.18 -10.90 9.18
CA ASP A 177 -26.44 -10.04 10.09
C ASP A 177 -24.97 -10.14 9.74
N PRO A 178 -24.35 -9.07 9.24
CA PRO A 178 -22.92 -9.13 8.88
C PRO A 178 -22.00 -9.37 10.04
N ALA A 179 -22.41 -9.03 11.26
CA ALA A 179 -21.55 -9.29 12.42
C ALA A 179 -21.57 -10.76 12.77
N SER A 180 -22.66 -11.46 12.46
CA SER A 180 -22.76 -12.90 12.68
C SER A 180 -21.83 -13.66 11.75
N VAL A 181 -21.84 -13.30 10.47
CA VAL A 181 -20.94 -13.94 9.52
C VAL A 181 -19.51 -13.82 10.00
N ALA A 182 -19.10 -12.61 10.39
CA ALA A 182 -17.73 -12.37 10.84
C ALA A 182 -17.44 -13.07 12.16
N PHE A 183 -18.38 -13.01 13.12
CA PHE A 183 -18.19 -13.69 14.39
C PHE A 183 -18.07 -15.20 14.19
N ASP A 184 -19.02 -15.79 13.45
CA ASP A 184 -18.98 -17.23 13.15
C ASP A 184 -17.68 -17.63 12.46
N ALA A 185 -17.27 -16.87 11.43
CA ALA A 185 -16.01 -17.16 10.76
C ALA A 185 -14.84 -17.18 11.72
N ILE A 186 -14.85 -16.31 12.73
CA ILE A 186 -13.73 -16.27 13.67
C ILE A 186 -13.74 -17.49 14.58
N SER A 187 -14.90 -17.92 15.06
CA SER A 187 -14.94 -19.15 15.85
C SER A 187 -14.60 -20.37 14.99
N PHE A 188 -15.13 -20.40 13.76
CA PHE A 188 -14.72 -21.45 12.82
C PHE A 188 -13.21 -21.49 12.70
N ALA A 189 -12.56 -20.34 12.69
CA ALA A 189 -11.11 -20.32 12.48
C ALA A 189 -10.38 -20.77 13.73
N LYS A 190 -10.88 -20.40 14.92
CA LYS A 190 -10.34 -20.94 16.17
C LYS A 190 -10.43 -22.45 16.18
N SER A 191 -11.65 -22.98 15.99
CA SER A 191 -11.87 -24.42 16.08
C SER A 191 -10.95 -25.19 15.14
N ARG A 192 -10.76 -24.67 13.93
CA ARG A 192 -9.95 -25.35 12.93
C ARG A 192 -8.51 -24.88 12.92
N ASN A 193 -8.11 -24.07 13.91
CA ASN A 193 -6.73 -23.60 14.06
C ASN A 193 -6.23 -22.92 12.80
N ILE A 194 -7.08 -22.11 12.19
CA ILE A 194 -6.76 -21.38 10.97
C ILE A 194 -6.01 -20.10 11.33
N ASP A 195 -5.01 -19.76 10.51
CA ASP A 195 -4.07 -18.72 10.90
C ASP A 195 -4.65 -17.31 10.80
N VAL A 196 -5.53 -17.06 9.81
CA VAL A 196 -5.91 -15.69 9.47
C VAL A 196 -7.36 -15.69 8.97
N VAL A 197 -8.14 -14.70 9.40
CA VAL A 197 -9.49 -14.45 8.91
C VAL A 197 -9.51 -13.12 8.18
N LEU A 198 -10.10 -13.10 6.98
CA LEU A 198 -10.27 -11.89 6.18
C LEU A 198 -11.75 -11.56 6.08
N ILE A 199 -12.14 -10.37 6.54
CA ILE A 199 -13.53 -9.96 6.56
C ILE A 199 -13.77 -8.94 5.45
N ASP A 200 -14.62 -9.30 4.48
CA ASP A 200 -15.16 -8.33 3.54
C ASP A 200 -16.28 -7.53 4.20
N THR A 201 -16.35 -6.23 3.91
CA THR A 201 -17.41 -5.39 4.46
C THR A 201 -18.24 -4.81 3.33
N ALA A 202 -19.36 -4.17 3.72
CA ALA A 202 -20.33 -3.69 2.74
C ALA A 202 -19.75 -2.66 1.80
N GLY A 203 -19.61 -3.04 0.53
CA GLY A 203 -19.28 -2.09 -0.51
C GLY A 203 -20.55 -1.40 -0.99
N ARG A 204 -20.49 -0.08 -1.08
CA ARG A 204 -21.59 0.72 -1.57
C ARG A 204 -21.05 1.65 -2.65
N MET A 205 -21.95 2.35 -3.34
CA MET A 205 -21.48 3.40 -4.23
C MET A 205 -20.98 4.60 -3.44
N HIS A 206 -21.57 4.85 -2.26
CA HIS A 206 -21.20 5.97 -1.40
C HIS A 206 -21.25 5.53 0.05
N ILE A 207 -20.27 5.98 0.83
CA ILE A 207 -20.37 5.87 2.27
C ILE A 207 -21.64 6.61 2.71
N ASP A 208 -22.27 6.11 3.77
CA ASP A 208 -23.41 6.82 4.34
C ASP A 208 -23.55 6.38 5.79
N SER A 209 -24.52 6.99 6.49
CA SER A 209 -24.66 6.82 7.92
C SER A 209 -24.95 5.36 8.30
N ASP A 210 -25.78 4.67 7.51
CA ASP A 210 -26.10 3.28 7.77
C ASP A 210 -24.87 2.39 7.61
N LEU A 211 -24.05 2.64 6.59
CA LEU A 211 -22.84 1.84 6.44
C LEU A 211 -21.92 2.02 7.66
N VAL A 212 -21.79 3.26 8.15
CA VAL A 212 -20.89 3.51 9.27
C VAL A 212 -21.34 2.74 10.50
N GLU A 213 -22.64 2.81 10.83
CA GLU A 213 -23.12 2.12 12.03
C GLU A 213 -22.91 0.61 11.92
N GLU A 214 -23.03 0.06 10.71
CA GLU A 214 -22.86 -1.37 10.53
C GLU A 214 -21.39 -1.75 10.66
N LEU A 215 -20.51 -0.98 10.03
CA LEU A 215 -19.08 -1.22 10.18
C LEU A 215 -18.65 -1.16 11.63
N LYS A 216 -19.13 -0.17 12.39
CA LYS A 216 -18.76 -0.08 13.81
C LYS A 216 -19.33 -1.24 14.59
N ARG A 217 -20.45 -1.81 14.14
CA ARG A 217 -21.01 -2.96 14.85
C ARG A 217 -20.19 -4.20 14.55
N VAL A 218 -19.83 -4.40 13.29
CA VAL A 218 -18.90 -5.47 12.94
C VAL A 218 -17.61 -5.33 13.74
N LEU A 219 -17.05 -4.11 13.78
CA LEU A 219 -15.78 -3.86 14.45
C LEU A 219 -15.83 -4.23 15.92
N ARG A 220 -16.89 -3.80 16.62
CA ARG A 220 -16.95 -4.06 18.05
C ARG A 220 -17.26 -5.52 18.34
N ILE A 221 -17.86 -6.24 17.41
CA ILE A 221 -18.16 -7.64 17.65
C ILE A 221 -17.06 -8.55 17.13
N ALA A 222 -16.44 -8.21 16.00
CA ALA A 222 -15.37 -9.02 15.43
C ALA A 222 -14.02 -8.75 16.07
N LYS A 223 -13.79 -7.56 16.58
CA LYS A 223 -12.51 -7.18 17.19
C LYS A 223 -11.31 -7.47 16.27
N PRO A 224 -11.26 -6.86 15.09
CA PRO A 224 -10.16 -7.17 14.17
C PRO A 224 -8.83 -6.63 14.67
N ASP A 225 -7.75 -7.27 14.20
CA ASP A 225 -6.42 -6.86 14.59
C ASP A 225 -5.80 -5.85 13.64
N PHE A 226 -6.37 -5.67 12.44
CA PHE A 226 -5.77 -4.80 11.44
C PHE A 226 -6.89 -4.39 10.49
N ARG A 227 -6.99 -3.10 10.22
CA ARG A 227 -8.04 -2.57 9.35
C ARG A 227 -7.41 -1.94 8.12
N ILE A 228 -7.83 -2.39 6.94
CA ILE A 228 -7.27 -1.96 5.67
C ILE A 228 -8.35 -1.31 4.83
N LEU A 229 -8.08 -0.09 4.37
CA LEU A 229 -8.91 0.58 3.38
C LEU A 229 -8.39 0.31 1.98
N ILE A 230 -9.29 0.01 1.06
CA ILE A 230 -8.96 -0.23 -0.34
C ILE A 230 -9.35 1.00 -1.13
N LEU A 231 -8.41 1.53 -1.91
CA LEU A 231 -8.64 2.75 -2.68
C LEU A 231 -8.15 2.55 -4.10
N ASP A 232 -8.92 3.05 -5.06
CA ASP A 232 -8.54 3.12 -6.47
C ASP A 232 -7.46 4.18 -6.63
N SER A 233 -6.23 3.79 -7.01
CA SER A 233 -5.17 4.79 -7.12
C SER A 233 -5.47 5.84 -8.18
N LEU A 234 -6.45 5.63 -9.03
CA LEU A 234 -6.78 6.56 -10.10
C LEU A 234 -7.89 7.53 -9.74
N ALA A 235 -8.51 7.40 -8.55
CA ALA A 235 -9.74 8.12 -8.30
C ALA A 235 -9.55 9.49 -7.67
N GLY A 236 -8.30 9.94 -7.50
CA GLY A 236 -8.04 11.31 -7.08
C GLY A 236 -8.76 11.79 -5.84
N SER A 237 -9.53 12.88 -5.99
CA SER A 237 -10.22 13.47 -4.86
C SER A 237 -11.31 12.57 -4.30
N ASP A 238 -11.98 11.78 -5.14
CA ASP A 238 -12.92 10.79 -4.61
C ASP A 238 -12.24 9.78 -3.70
N ALA A 239 -11.01 9.37 -4.05
CA ALA A 239 -10.24 8.51 -3.16
C ALA A 239 -9.88 9.23 -1.87
N LEU A 240 -9.49 10.50 -1.96
CA LEU A 240 -9.21 11.28 -0.76
C LEU A 240 -10.46 11.52 0.06
N GLU A 241 -11.61 11.62 -0.60
CA GLU A 241 -12.86 11.78 0.13
C GLU A 241 -13.25 10.49 0.82
N GLN A 242 -13.06 9.35 0.15
CA GLN A 242 -13.33 8.06 0.82
C GLN A 242 -12.44 7.88 2.04
N ALA A 243 -11.14 8.18 1.90
CA ALA A 243 -10.24 8.00 3.03
C ALA A 243 -10.62 8.90 4.19
N ARG A 244 -10.99 10.16 3.92
CA ARG A 244 -11.34 11.07 4.99
C ARG A 244 -12.61 10.62 5.74
N HIS A 245 -13.59 10.08 5.02
CA HIS A 245 -14.81 9.68 5.70
C HIS A 245 -14.63 8.39 6.49
N PHE A 246 -13.88 7.41 5.97
CA PHE A 246 -13.56 6.25 6.80
C PHE A 246 -12.69 6.63 8.00
N GLU A 247 -11.80 7.63 7.85
CA GLU A 247 -10.99 8.10 8.97
C GLU A 247 -11.86 8.69 10.07
N ASN A 248 -12.76 9.59 9.72
CA ASN A 248 -13.54 10.30 10.73
C ASN A 248 -14.51 9.38 11.46
N ASN A 249 -15.07 8.40 10.76
CA ASN A 249 -16.24 7.70 11.26
C ASN A 249 -15.97 6.25 11.64
N VAL A 250 -14.85 5.67 11.23
CA VAL A 250 -14.60 4.26 11.49
C VAL A 250 -13.17 4.07 12.00
N GLY A 251 -12.20 4.70 11.35
CA GLY A 251 -10.81 4.44 11.66
C GLY A 251 -10.33 3.18 10.97
N TYR A 252 -9.11 3.25 10.43
CA TYR A 252 -8.42 2.12 9.83
C TYR A 252 -6.93 2.38 9.97
N ASP A 253 -6.14 1.33 9.70
CA ASP A 253 -4.71 1.37 9.97
C ASP A 253 -3.85 1.56 8.73
N ALA A 254 -4.29 1.11 7.55
CA ALA A 254 -3.42 1.08 6.39
C ALA A 254 -4.27 1.06 5.13
N VAL A 255 -3.62 1.33 4.00
CA VAL A 255 -4.28 1.45 2.71
C VAL A 255 -3.64 0.44 1.75
N ILE A 256 -4.44 -0.15 0.88
CA ILE A 256 -3.93 -0.83 -0.30
C ILE A 256 -4.46 -0.10 -1.53
N LEU A 257 -3.54 0.37 -2.38
CA LEU A 257 -3.88 1.06 -3.60
C LEU A 257 -3.99 0.05 -4.74
N THR A 258 -5.14 0.02 -5.39
CA THR A 258 -5.34 -0.87 -6.51
C THR A 258 -5.15 -0.09 -7.80
N LYS A 259 -4.98 -0.82 -8.90
CA LYS A 259 -4.87 -0.29 -10.25
C LYS A 259 -3.64 0.60 -10.43
N VAL A 260 -2.61 0.40 -9.61
CA VAL A 260 -1.39 1.19 -9.77
C VAL A 260 -0.75 0.91 -11.13
N ASP A 261 -0.98 -0.28 -11.70
CA ASP A 261 -0.47 -0.58 -13.03
C ASP A 261 -1.08 0.31 -14.12
N ALA A 262 -2.28 0.86 -13.90
CA ALA A 262 -2.89 1.72 -14.90
C ALA A 262 -2.34 3.14 -14.85
N ASP A 263 -1.42 3.44 -13.94
CA ASP A 263 -0.80 4.76 -13.82
C ASP A 263 0.56 4.65 -14.52
N ALA A 264 0.57 5.00 -15.81
CA ALA A 264 1.72 4.70 -16.65
C ALA A 264 2.98 5.40 -16.17
N LYS A 265 2.86 6.64 -15.69
CA LYS A 265 4.04 7.47 -15.44
C LYS A 265 4.44 7.50 -13.98
N GLY A 266 3.63 6.95 -13.08
CA GLY A 266 4.01 6.77 -11.71
C GLY A 266 3.53 7.84 -10.77
N GLY A 267 3.32 9.07 -11.26
CA GLY A 267 3.09 10.18 -10.34
C GLY A 267 1.67 10.30 -9.79
N ILE A 268 0.68 9.69 -10.45
CA ILE A 268 -0.69 9.78 -9.97
C ILE A 268 -0.84 9.07 -8.63
N ALA A 269 -0.41 7.80 -8.55
CA ALA A 269 -0.52 7.10 -7.27
C ALA A 269 0.39 7.72 -6.21
N LEU A 270 1.55 8.22 -6.61
CA LEU A 270 2.44 8.89 -5.66
C LEU A 270 1.82 10.20 -5.16
N SER A 271 1.14 10.94 -6.04
CA SER A 271 0.52 12.20 -5.61
C SER A 271 -0.68 11.95 -4.70
N LEU A 272 -1.45 10.89 -4.97
CA LEU A 272 -2.54 10.51 -4.07
C LEU A 272 -2.00 10.16 -2.69
N ALA A 273 -0.95 9.33 -2.64
CA ALA A 273 -0.42 8.87 -1.36
C ALA A 273 0.06 10.00 -0.49
N TYR A 274 0.60 11.06 -1.09
CA TYR A 274 1.08 12.19 -0.30
C TYR A 274 -0.02 12.77 0.57
N GLU A 275 -1.25 12.79 0.07
CA GLU A 275 -2.36 13.37 0.81
C GLU A 275 -3.03 12.38 1.74
N LEU A 276 -2.76 11.09 1.57
CA LEU A 276 -3.20 10.09 2.54
C LEU A 276 -2.45 10.26 3.86
N LYS A 277 -3.14 9.97 4.95
CA LYS A 277 -2.55 10.03 6.27
C LYS A 277 -2.06 8.68 6.78
N LYS A 278 -2.61 7.57 6.29
CA LYS A 278 -2.28 6.20 6.62
C LYS A 278 -1.28 5.61 5.64
N PRO A 279 -0.45 4.67 6.09
CA PRO A 279 0.53 4.05 5.18
C PRO A 279 -0.12 3.23 4.08
N VAL A 280 0.52 3.24 2.91
CA VAL A 280 0.18 2.31 1.83
C VAL A 280 1.09 1.09 1.97
N VAL A 281 0.49 -0.07 2.19
CA VAL A 281 1.28 -1.26 2.55
C VAL A 281 1.42 -2.22 1.37
N TYR A 282 0.40 -2.33 0.52
CA TYR A 282 0.55 -3.10 -0.71
C TYR A 282 -0.11 -2.33 -1.86
N MET A 283 0.23 -2.75 -3.08
CA MET A 283 -0.28 -2.13 -4.30
C MET A 283 -0.74 -3.21 -5.26
N GLY A 284 -1.99 -3.10 -5.72
CA GLY A 284 -2.46 -3.97 -6.80
C GLY A 284 -1.92 -3.45 -8.12
N VAL A 285 -1.37 -4.36 -8.93
CA VAL A 285 -0.74 -3.99 -10.17
C VAL A 285 -1.27 -4.85 -11.31
N GLY A 286 -2.53 -5.28 -11.21
CA GLY A 286 -3.11 -6.10 -12.25
C GLY A 286 -4.33 -6.85 -11.72
N GLN A 287 -4.83 -7.75 -12.57
CA GLN A 287 -6.06 -8.48 -12.28
C GLN A 287 -5.82 -9.90 -11.78
N ASN A 288 -4.58 -10.37 -11.78
CA ASN A 288 -4.30 -11.73 -11.37
C ASN A 288 -3.92 -11.75 -9.90
N TYR A 289 -3.99 -12.96 -9.32
CA TYR A 289 -3.81 -13.10 -7.88
C TYR A 289 -2.43 -12.66 -7.43
N ASP A 290 -1.40 -12.85 -8.27
CA ASP A 290 -0.04 -12.46 -7.93
C ASP A 290 0.23 -10.99 -8.14
N ASP A 291 -0.73 -10.22 -8.64
CA ASP A 291 -0.56 -8.81 -8.94
C ASP A 291 -0.72 -7.95 -7.70
N LEU A 292 0.04 -8.29 -6.67
CA LEU A 292 0.03 -7.56 -5.41
C LEU A 292 1.47 -7.46 -4.99
N ILE A 293 1.98 -6.24 -4.87
CA ILE A 293 3.38 -6.12 -4.50
C ILE A 293 3.47 -5.30 -3.23
N PRO A 294 4.47 -5.54 -2.40
CA PRO A 294 4.74 -4.61 -1.29
C PRO A 294 5.00 -3.24 -1.87
N PHE A 295 4.89 -2.24 -1.01
CA PHE A 295 5.31 -0.91 -1.40
C PHE A 295 6.75 -0.99 -1.90
N SER A 296 7.01 -0.37 -3.03
CA SER A 296 8.36 -0.36 -3.56
C SER A 296 8.68 1.02 -4.10
N PRO A 297 9.63 1.73 -3.51
CA PRO A 297 10.13 2.94 -4.17
C PRO A 297 10.65 2.67 -5.57
N ASP A 298 11.22 1.48 -5.83
CA ASP A 298 11.78 1.14 -7.14
C ASP A 298 10.72 1.18 -8.24
N TRP A 299 9.51 0.70 -7.95
CA TRP A 299 8.39 0.86 -8.87
C TRP A 299 8.25 2.30 -9.35
N PHE A 300 8.23 3.27 -8.43
CA PHE A 300 7.99 4.65 -8.81
C PHE A 300 9.21 5.28 -9.49
N VAL A 301 10.42 4.92 -9.07
CA VAL A 301 11.61 5.48 -9.71
C VAL A 301 11.69 5.02 -11.17
N GLU A 302 11.38 3.75 -11.43
CA GLU A 302 11.44 3.27 -12.81
C GLU A 302 10.35 3.92 -13.66
N ARG A 303 9.13 4.06 -13.14
CA ARG A 303 8.07 4.63 -13.97
C ARG A 303 8.28 6.12 -14.21
N ILE A 304 8.69 6.87 -13.19
CA ILE A 304 8.80 8.31 -13.34
C ILE A 304 9.95 8.68 -14.27
N PHE A 305 11.09 8.02 -14.13
CA PHE A 305 12.27 8.37 -14.91
C PHE A 305 12.44 7.37 -16.05
N SER A 306 12.03 7.79 -17.25
CA SER A 306 11.92 6.93 -18.43
C SER A 306 11.18 5.64 -18.10
#